data_9D5L
#
_entry.id   9D5L
#
_cell.length_a   63.770
_cell.length_b   63.770
_cell.length_c   220.510
_cell.angle_alpha   90.000
_cell.angle_beta   90.000
_cell.angle_gamma   120.000
#
_symmetry.space_group_name_H-M   'P 61 2 2'
#
loop_
_entity.id
_entity.type
_entity.pdbx_description
1 polymer 'TnsE, Tn7 transposition protein'
2 polymer DNA
3 non-polymer 'PHOSPHATE ION'
4 water water
#
loop_
_entity_poly.entity_id
_entity_poly.type
_entity_poly.pdbx_seq_one_letter_code
_entity_poly.pdbx_strand_id
1 'polypeptide(L)'
;DATNYNHVFASRFAAFNELLSILKTKFRCRVIFEETLVLPKVGRSRLHLCKDGSPRVIKAVGVWRNASEFILLEVDASDG
VKMLSTKVLIGVNRETWQSDFERIRRGIVRNSLNWPNGLLYQLYGKEGNRGVNHPKGLSELEVSREDMEGWGERLIRELE
HHHHHH
;
A
2 'polydeoxyribonucleotide' (DT)(DA)(DA)(DA)(DT)(DT)(DT)(DA)(DA)(DA)(DT)(DT) C
#
loop_
_chem_comp.id
_chem_comp.type
_chem_comp.name
_chem_comp.formula
DA DNA linking 2'-DEOXYADENOSINE-5'-MONOPHOSPHATE 'C10 H14 N5 O6 P'
DT DNA linking THYMIDINE-5'-MONOPHOSPHATE 'C10 H15 N2 O8 P'
PO4 non-polymer 'PHOSPHATE ION' 'O4 P -3'
#
# COMPACT_ATOMS: atom_id res chain seq x y z
N TYR A 5 -0.01 -20.44 14.92
CA TYR A 5 -1.42 -20.08 15.04
C TYR A 5 -1.71 -18.75 14.34
N ASN A 6 -2.96 -18.30 14.44
CA ASN A 6 -3.41 -17.16 13.66
C ASN A 6 -2.99 -15.83 14.30
N HIS A 7 -3.11 -14.76 13.51
CA HIS A 7 -2.73 -13.42 13.93
C HIS A 7 -3.97 -12.60 14.28
N VAL A 8 -3.79 -11.65 15.21
CA VAL A 8 -4.83 -10.70 15.58
C VAL A 8 -4.20 -9.31 15.55
N PHE A 9 -4.80 -8.41 14.77
CA PHE A 9 -4.28 -7.07 14.57
C PHE A 9 -5.20 -6.04 15.21
N ALA A 10 -4.61 -4.93 15.64
CA ALA A 10 -5.40 -3.84 16.21
C ALA A 10 -6.21 -3.13 15.12
N SER A 11 -5.58 -2.86 13.98
CA SER A 11 -6.23 -2.16 12.88
C SER A 11 -5.79 -2.79 11.56
N ARG A 12 -6.50 -2.41 10.49
CA ARG A 12 -6.08 -2.83 9.15
C ARG A 12 -4.62 -2.43 8.89
N PHE A 13 -4.25 -1.23 9.34
CA PHE A 13 -2.91 -0.72 9.05
C PHE A 13 -1.83 -1.56 9.74
N ALA A 14 -2.17 -2.20 10.85
CA ALA A 14 -1.19 -3.03 11.55
C ALA A 14 -0.84 -4.26 10.72
N ALA A 15 -1.80 -4.81 10.00
CA ALA A 15 -1.54 -6.01 9.22
C ALA A 15 -0.52 -5.76 8.11
N PHE A 16 -0.56 -4.56 7.52
CA PHE A 16 0.39 -4.25 6.45
C PHE A 16 1.82 -4.34 6.94
N ASN A 17 2.05 -4.03 8.22
CA ASN A 17 3.41 -4.13 8.77
C ASN A 17 3.81 -5.60 8.92
N GLU A 18 2.89 -6.45 9.40
CA GLU A 18 3.21 -7.86 9.53
C GLU A 18 3.54 -8.47 8.17
N LEU A 19 2.97 -7.93 7.09
CA LEU A 19 3.34 -8.38 5.75
C LEU A 19 4.80 -8.07 5.45
N LEU A 20 5.25 -6.87 5.82
CA LEU A 20 6.63 -6.50 5.55
C LEU A 20 7.59 -7.44 6.26
N SER A 21 7.26 -7.83 7.50
CA SER A 21 8.10 -8.79 8.22
C SER A 21 8.19 -10.11 7.46
N ILE A 22 7.04 -10.61 6.98
CA ILE A 22 7.02 -11.88 6.27
C ILE A 22 7.81 -11.77 4.97
N LEU A 23 7.76 -10.63 4.32
CA LEU A 23 8.55 -10.45 3.11
C LEU A 23 10.03 -10.45 3.42
N LYS A 24 10.42 -9.85 4.56
CA LYS A 24 11.82 -9.94 4.97
C LYS A 24 12.23 -11.39 5.24
N THR A 25 11.34 -12.17 5.86
CA THR A 25 11.71 -13.52 6.28
C THR A 25 11.55 -14.52 5.15
N LYS A 26 10.31 -14.86 4.80
CA LYS A 26 10.09 -15.99 3.90
C LYS A 26 10.43 -15.68 2.45
N PHE A 27 10.32 -14.41 2.05
CA PHE A 27 10.47 -14.06 0.64
C PHE A 27 11.72 -13.24 0.36
N ARG A 28 12.69 -13.27 1.28
CA ARG A 28 13.98 -12.61 1.10
C ARG A 28 13.83 -11.24 0.46
N CYS A 29 13.22 -10.31 1.19
CA CYS A 29 13.10 -8.92 0.78
C CYS A 29 13.84 -8.04 1.78
N ARG A 30 14.35 -6.91 1.29
CA ARG A 30 15.00 -5.91 2.12
C ARG A 30 14.21 -4.60 2.05
N VAL A 31 13.97 -4.00 3.20
CA VAL A 31 13.26 -2.72 3.27
C VAL A 31 14.25 -1.61 3.03
N ILE A 32 14.05 -0.86 1.94
CA ILE A 32 14.92 0.26 1.64
C ILE A 32 14.59 1.46 2.53
N PHE A 33 13.32 1.87 2.55
CA PHE A 33 12.88 3.00 3.36
C PHE A 33 11.45 2.74 3.86
N GLU A 34 11.03 3.57 4.80
CA GLU A 34 9.68 3.50 5.36
C GLU A 34 9.27 4.89 5.80
N GLU A 35 8.34 5.50 5.10
CA GLU A 35 7.82 6.81 5.47
C GLU A 35 6.29 6.77 5.46
N THR A 36 5.68 7.49 6.40
CA THR A 36 4.23 7.59 6.49
C THR A 36 3.85 9.06 6.53
N LEU A 37 3.05 9.49 5.57
CA LEU A 37 2.61 10.88 5.46
C LEU A 37 1.09 10.98 5.57
N VAL A 38 0.62 12.20 5.82
CA VAL A 38 -0.80 12.47 5.89
C VAL A 38 -1.31 12.86 4.52
N LEU A 39 -2.47 12.33 4.14
CA LEU A 39 -3.09 12.72 2.88
C LEU A 39 -3.47 14.19 2.92
N PRO A 40 -3.34 14.91 1.81
CA PRO A 40 -3.58 16.36 1.82
C PRO A 40 -5.03 16.74 1.64
N LYS A 41 -5.37 17.90 2.21
CA LYS A 41 -6.65 18.55 1.92
C LYS A 41 -6.65 19.00 0.46
N VAL A 42 -7.54 18.44 -0.33
CA VAL A 42 -7.64 18.73 -1.76
C VAL A 42 -9.05 19.20 -2.04
N GLY A 43 -9.20 20.48 -2.40
CA GLY A 43 -10.53 21.03 -2.62
C GLY A 43 -11.34 21.04 -1.33
N ARG A 44 -12.65 20.86 -1.48
CA ARG A 44 -13.56 20.77 -0.35
C ARG A 44 -13.72 19.33 0.14
N SER A 45 -12.63 18.59 0.21
CA SER A 45 -12.68 17.17 0.53
C SER A 45 -12.76 16.95 2.03
N ARG A 46 -13.34 15.83 2.41
CA ARG A 46 -13.45 15.42 3.80
C ARG A 46 -12.78 14.08 4.09
N LEU A 47 -12.46 13.29 3.06
CA LEU A 47 -11.94 11.95 3.25
C LEU A 47 -10.45 11.95 3.61
N HIS A 48 -9.77 13.09 3.53
CA HIS A 48 -8.40 13.15 4.00
C HIS A 48 -8.31 13.06 5.52
N LEU A 49 -9.43 12.93 6.21
CA LEU A 49 -9.49 12.75 7.65
C LEU A 49 -10.30 11.51 7.96
N CYS A 50 -9.96 10.83 9.05
CA CYS A 50 -10.68 9.63 9.46
C CYS A 50 -12.00 10.02 10.11
N LYS A 51 -12.87 9.03 10.29
CA LYS A 51 -14.17 9.29 10.89
C LYS A 51 -14.01 10.05 12.21
N ASP A 52 -13.11 9.57 13.08
CA ASP A 52 -12.89 10.24 14.35
C ASP A 52 -12.36 11.66 14.17
N GLY A 53 -11.77 11.98 13.02
CA GLY A 53 -11.31 13.32 12.73
C GLY A 53 -9.81 13.51 12.61
N SER A 54 -9.03 12.44 12.77
CA SER A 54 -7.57 12.58 12.69
C SER A 54 -7.11 12.53 11.24
N PRO A 55 -5.90 13.02 10.95
CA PRO A 55 -5.40 12.97 9.57
C PRO A 55 -5.24 11.54 9.08
N ARG A 56 -5.73 11.29 7.87
CA ARG A 56 -5.61 9.99 7.24
C ARG A 56 -4.20 9.87 6.66
N VAL A 57 -3.55 8.74 6.90
CA VAL A 57 -2.15 8.57 6.57
C VAL A 57 -1.97 7.52 5.50
N ILE A 58 -0.87 7.63 4.77
CA ILE A 58 -0.47 6.68 3.74
C ILE A 58 1.01 6.34 3.96
N LYS A 59 1.34 5.05 3.91
CA LYS A 59 2.69 4.59 4.14
C LYS A 59 3.28 4.08 2.83
N ALA A 60 4.44 4.62 2.46
CA ALA A 60 5.22 4.14 1.31
C ALA A 60 6.43 3.35 1.81
N VAL A 61 6.73 2.27 1.13
CA VAL A 61 7.80 1.36 1.53
C VAL A 61 8.57 0.94 0.29
N GLY A 62 9.85 1.30 0.22
CA GLY A 62 10.71 0.80 -0.84
C GLY A 62 11.27 -0.57 -0.49
N VAL A 63 11.26 -1.46 -1.48
CA VAL A 63 11.61 -2.86 -1.27
C VAL A 63 12.60 -3.29 -2.35
N TRP A 64 13.42 -4.26 -2.00
CA TRP A 64 14.42 -4.83 -2.91
C TRP A 64 14.36 -6.35 -2.80
N ARG A 65 14.21 -7.02 -3.95
CA ARG A 65 14.13 -8.48 -3.97
C ARG A 65 14.71 -9.00 -5.26
N ASN A 66 15.81 -9.75 -5.15
CA ASN A 66 16.44 -10.40 -6.30
C ASN A 66 16.75 -9.40 -7.41
N ALA A 67 17.49 -8.36 -7.04
CA ALA A 67 17.97 -7.34 -7.97
C ALA A 67 16.81 -6.74 -8.75
N SER A 68 15.88 -6.14 -8.02
CA SER A 68 14.76 -5.40 -8.61
C SER A 68 14.00 -4.72 -7.47
N GLU A 69 13.61 -3.47 -7.69
CA GLU A 69 12.99 -2.66 -6.65
C GLU A 69 11.54 -2.38 -6.99
N PHE A 70 10.74 -2.17 -5.95
CA PHE A 70 9.35 -1.76 -6.11
C PHE A 70 8.92 -0.98 -4.88
N ILE A 71 7.91 -0.14 -5.06
CA ILE A 71 7.34 0.66 -3.98
C ILE A 71 5.99 0.06 -3.59
N LEU A 72 5.74 0.01 -2.28
CA LEU A 72 4.47 -0.43 -1.74
C LEU A 72 3.74 0.78 -1.15
N LEU A 73 2.51 1.00 -1.59
CA LEU A 73 1.67 2.07 -1.06
C LEU A 73 0.48 1.44 -0.35
N GLU A 74 0.19 1.94 0.85
CA GLU A 74 -0.89 1.42 1.68
C GLU A 74 -1.60 2.60 2.33
N VAL A 75 -2.91 2.68 2.15
CA VAL A 75 -3.71 3.77 2.69
C VAL A 75 -4.37 3.31 3.97
N ASP A 76 -4.45 4.20 4.94
CA ASP A 76 -5.06 3.90 6.24
C ASP A 76 -6.56 3.95 6.11
N ALA A 77 -7.19 2.78 6.06
CA ALA A 77 -8.64 2.65 6.02
C ALA A 77 -9.12 1.91 7.26
N SER A 78 -8.47 2.15 8.39
CA SER A 78 -8.83 1.45 9.62
C SER A 78 -10.19 1.90 10.14
N ASP A 79 -10.72 3.03 9.66
CA ASP A 79 -12.05 3.48 10.05
C ASP A 79 -13.15 2.82 9.23
N GLY A 80 -12.81 1.89 8.35
CA GLY A 80 -13.80 1.11 7.62
C GLY A 80 -14.49 1.83 6.49
N VAL A 81 -14.00 3.00 6.09
CA VAL A 81 -14.68 3.77 5.06
C VAL A 81 -14.59 3.08 3.71
N LYS A 82 -13.39 2.67 3.33
CA LYS A 82 -13.13 2.14 1.99
C LYS A 82 -12.17 0.97 2.09
N MET A 83 -12.30 0.04 1.16
CA MET A 83 -11.43 -1.13 1.07
C MET A 83 -10.60 -0.98 -0.19
N LEU A 84 -9.40 -0.43 -0.04
CA LEU A 84 -8.46 -0.27 -1.14
C LEU A 84 -7.48 -1.43 -1.20
N SER A 85 -6.84 -1.56 -2.34
CA SER A 85 -5.80 -2.57 -2.52
C SER A 85 -4.45 -2.01 -2.08
N THR A 86 -3.48 -2.90 -1.99
CA THR A 86 -2.09 -2.53 -1.75
C THR A 86 -1.44 -2.34 -3.12
N LYS A 87 -0.97 -1.13 -3.39
CA LYS A 87 -0.39 -0.84 -4.69
C LYS A 87 1.05 -1.31 -4.73
N VAL A 88 1.47 -1.78 -5.90
CA VAL A 88 2.80 -2.32 -6.14
C VAL A 88 3.35 -1.60 -7.36
N LEU A 89 4.13 -0.55 -7.12
CA LEU A 89 4.64 0.28 -8.20
C LEU A 89 6.03 -0.18 -8.61
N ILE A 90 6.20 -0.46 -9.90
CA ILE A 90 7.46 -0.96 -10.45
C ILE A 90 7.92 0.02 -11.52
N GLY A 91 9.13 0.56 -11.34
CA GLY A 91 9.67 1.52 -12.28
C GLY A 91 9.79 2.91 -11.69
N VAL A 92 9.95 2.99 -10.37
CA VAL A 92 10.01 4.27 -9.68
C VAL A 92 11.43 4.83 -9.78
N ASN A 93 11.53 6.14 -9.88
CA ASN A 93 12.79 6.84 -10.06
C ASN A 93 13.09 7.69 -8.84
N ARG A 94 14.18 7.38 -8.15
CA ARG A 94 14.58 8.15 -6.98
C ARG A 94 14.57 9.64 -7.27
N GLU A 95 14.96 10.03 -8.49
CA GLU A 95 15.12 11.44 -8.83
C GLU A 95 13.79 12.16 -8.96
N THR A 96 12.66 11.44 -8.95
CA THR A 96 11.36 12.08 -9.06
C THR A 96 10.30 11.44 -8.19
N TRP A 97 10.64 10.43 -7.38
CA TRP A 97 9.64 9.73 -6.60
C TRP A 97 8.87 10.69 -5.69
N GLN A 98 9.59 11.63 -5.06
CA GLN A 98 8.93 12.52 -4.10
C GLN A 98 7.84 13.35 -4.77
N SER A 99 8.07 13.78 -6.01
CA SER A 99 7.05 14.53 -6.73
C SER A 99 5.93 13.60 -7.20
N ASP A 100 6.30 12.47 -7.82
CA ASP A 100 5.30 11.50 -8.23
C ASP A 100 4.46 11.06 -7.04
N PHE A 101 5.10 10.78 -5.90
CA PHE A 101 4.38 10.38 -4.70
C PHE A 101 3.37 11.45 -4.28
N GLU A 102 3.77 12.73 -4.37
CA GLU A 102 2.86 13.81 -3.98
C GLU A 102 1.65 13.86 -4.91
N ARG A 103 1.88 13.75 -6.23
CA ARG A 103 0.76 13.71 -7.16
C ARG A 103 -0.16 12.54 -6.86
N ILE A 104 0.38 11.39 -6.45
CA ILE A 104 -0.44 10.24 -6.12
C ILE A 104 -1.32 10.56 -4.92
N ARG A 105 -0.76 11.22 -3.90
CA ARG A 105 -1.55 11.55 -2.72
C ARG A 105 -2.70 12.47 -3.07
N ARG A 106 -2.48 13.44 -3.97
CA ARG A 106 -3.54 14.33 -4.41
C ARG A 106 -4.63 13.53 -5.12
N GLY A 107 -4.24 12.73 -6.10
CA GLY A 107 -5.24 11.99 -6.87
C GLY A 107 -6.07 11.06 -6.00
N ILE A 108 -5.47 10.46 -4.99
CA ILE A 108 -6.22 9.58 -4.09
C ILE A 108 -7.37 10.35 -3.45
N VAL A 109 -7.11 11.59 -3.03
CA VAL A 109 -8.15 12.38 -2.39
C VAL A 109 -9.15 12.91 -3.41
N ARG A 110 -8.68 13.28 -4.61
CA ARG A 110 -9.59 13.71 -5.65
C ARG A 110 -10.66 12.66 -5.92
N ASN A 111 -10.25 11.42 -6.18
CA ASN A 111 -11.16 10.34 -6.52
C ASN A 111 -11.85 9.74 -5.29
N SER A 112 -11.83 10.44 -4.16
CA SER A 112 -12.52 9.98 -2.94
C SER A 112 -11.98 8.62 -2.47
N LEU A 113 -10.71 8.64 -2.05
CA LEU A 113 -9.99 7.46 -1.60
C LEU A 113 -10.08 6.33 -2.64
N ASN A 114 -9.41 6.58 -3.76
CA ASN A 114 -9.33 5.62 -4.84
C ASN A 114 -8.04 5.86 -5.60
N TRP A 115 -7.30 4.78 -5.87
CA TRP A 115 -6.01 4.93 -6.54
C TRP A 115 -6.19 5.66 -7.87
N PRO A 116 -5.41 6.70 -8.15
CA PRO A 116 -5.49 7.34 -9.48
C PRO A 116 -4.86 6.50 -10.57
N ASN A 117 -5.61 5.54 -11.11
CA ASN A 117 -5.04 4.63 -12.09
C ASN A 117 -4.60 5.36 -13.35
N GLY A 118 -5.37 6.34 -13.80
CA GLY A 118 -4.94 7.13 -14.94
C GLY A 118 -3.55 7.69 -14.76
N LEU A 119 -3.28 8.26 -13.59
CA LEU A 119 -1.94 8.76 -13.30
C LEU A 119 -0.94 7.62 -13.21
N LEU A 120 -1.27 6.57 -12.44
CA LEU A 120 -0.34 5.46 -12.26
C LEU A 120 0.00 4.80 -13.58
N TYR A 121 -1.00 4.61 -14.45
CA TYR A 121 -0.72 4.10 -15.79
C TYR A 121 0.14 5.09 -16.57
N GLN A 122 -0.18 6.39 -16.45
CA GLN A 122 0.67 7.41 -17.03
C GLN A 122 2.11 7.29 -16.53
N LEU A 123 2.29 7.04 -15.24
CA LEU A 123 3.61 7.06 -14.64
C LEU A 123 4.40 5.80 -14.97
N TYR A 124 3.77 4.63 -14.79
CA TYR A 124 4.51 3.37 -14.84
C TYR A 124 3.93 2.35 -15.82
N GLY A 125 2.95 2.75 -16.63
CA GLY A 125 2.43 1.86 -17.64
C GLY A 125 1.56 0.74 -17.11
N LYS A 126 0.91 0.00 -18.02
CA LYS A 126 0.02 -1.06 -17.60
C LYS A 126 0.75 -2.12 -16.81
N GLU A 127 2.00 -2.40 -17.18
CA GLU A 127 2.78 -3.45 -16.53
C GLU A 127 3.57 -2.95 -15.34
N GLY A 128 3.51 -1.66 -15.03
CA GLY A 128 4.21 -1.11 -13.89
C GLY A 128 3.29 -0.60 -12.81
N ASN A 129 1.98 -0.58 -13.08
CA ASN A 129 0.96 -0.18 -12.12
C ASN A 129 0.26 -1.44 -11.65
N ARG A 130 0.84 -2.08 -10.64
CA ARG A 130 0.37 -3.37 -10.13
C ARG A 130 -0.20 -3.20 -8.73
N GLY A 131 -0.90 -4.23 -8.27
CA GLY A 131 -1.50 -4.19 -6.95
C GLY A 131 -1.97 -5.56 -6.53
N VAL A 132 -2.20 -5.71 -5.22
CA VAL A 132 -2.55 -6.99 -4.63
C VAL A 132 -3.64 -6.76 -3.58
N ASN A 133 -4.63 -7.67 -3.57
CA ASN A 133 -5.73 -7.55 -2.63
C ASN A 133 -5.28 -7.92 -1.22
N HIS A 134 -5.95 -7.36 -0.23
CA HIS A 134 -5.73 -7.74 1.14
C HIS A 134 -6.29 -9.14 1.38
N PRO A 135 -5.76 -9.85 2.37
CA PRO A 135 -6.25 -11.21 2.65
C PRO A 135 -7.68 -11.19 3.18
N LYS A 136 -8.52 -12.04 2.60
CA LYS A 136 -9.88 -12.21 3.10
C LYS A 136 -9.88 -12.44 4.60
N GLY A 137 -10.80 -11.82 5.29
CA GLY A 137 -10.92 -11.97 6.72
C GLY A 137 -10.25 -10.87 7.53
N LEU A 138 -9.48 -10.00 6.89
CA LEU A 138 -8.87 -8.89 7.62
C LEU A 138 -9.92 -7.91 8.14
N SER A 139 -11.12 -7.89 7.53
CA SER A 139 -12.19 -7.06 8.07
C SER A 139 -12.48 -7.41 9.53
N GLU A 140 -12.27 -8.66 9.92
CA GLU A 140 -12.41 -9.10 11.30
C GLU A 140 -11.12 -8.95 12.10
N LEU A 141 -10.05 -8.45 11.46
CA LEU A 141 -8.76 -8.25 12.13
C LEU A 141 -8.17 -9.57 12.63
N GLU A 142 -8.39 -10.63 11.87
CA GLU A 142 -7.82 -11.95 12.14
C GLU A 142 -7.40 -12.59 10.83
N VAL A 143 -6.18 -13.10 10.79
CA VAL A 143 -5.62 -13.71 9.59
C VAL A 143 -4.84 -14.94 9.99
N SER A 144 -5.05 -16.04 9.26
CA SER A 144 -4.33 -17.27 9.55
C SER A 144 -2.86 -17.14 9.20
N ARG A 145 -2.01 -17.92 9.88
CA ARG A 145 -0.58 -17.84 9.62
C ARG A 145 -0.26 -18.20 8.18
N GLU A 146 -1.11 -19.00 7.53
CA GLU A 146 -0.90 -19.33 6.13
C GLU A 146 -1.50 -18.31 5.18
N ASP A 147 -2.58 -17.64 5.59
CA ASP A 147 -3.12 -16.55 4.79
C ASP A 147 -2.15 -15.38 4.72
N MET A 148 -1.43 -15.11 5.81
CA MET A 148 -0.42 -14.05 5.78
C MET A 148 0.70 -14.40 4.82
N GLU A 149 1.09 -15.67 4.75
CA GLU A 149 2.11 -16.07 3.78
C GLU A 149 1.58 -15.97 2.36
N GLY A 150 0.30 -16.28 2.16
CA GLY A 150 -0.30 -16.12 0.84
C GLY A 150 -0.36 -14.67 0.39
N TRP A 151 -0.55 -13.75 1.34
CA TRP A 151 -0.45 -12.33 1.01
C TRP A 151 0.91 -12.04 0.38
N GLY A 152 1.99 -12.57 0.94
CA GLY A 152 3.30 -12.37 0.36
C GLY A 152 3.47 -13.11 -0.95
N GLU A 153 2.96 -14.35 -1.02
CA GLU A 153 3.02 -15.10 -2.27
C GLU A 153 2.38 -14.32 -3.41
N ARG A 154 1.13 -13.89 -3.21
CA ARG A 154 0.40 -13.18 -4.26
C ARG A 154 1.10 -11.88 -4.64
N LEU A 155 1.85 -11.28 -3.72
CA LEU A 155 2.64 -10.11 -4.07
C LEU A 155 3.77 -10.46 -5.03
N ILE A 156 4.46 -11.60 -4.78
CA ILE A 156 5.55 -11.99 -5.67
C ILE A 156 5.00 -12.33 -7.06
N ARG A 157 3.75 -12.78 -7.14
CA ARG A 157 3.15 -13.05 -8.45
C ARG A 157 3.15 -11.80 -9.31
N GLU A 158 2.66 -10.68 -8.77
CA GLU A 158 2.64 -9.44 -9.53
C GLU A 158 4.05 -9.01 -9.90
N LEU A 159 4.99 -9.19 -8.99
CA LEU A 159 6.38 -8.82 -9.29
C LEU A 159 6.94 -9.67 -10.42
N GLU A 160 6.63 -10.96 -10.44
CA GLU A 160 7.07 -11.86 -11.49
C GLU A 160 6.26 -11.72 -12.77
N HIS A 161 5.41 -10.70 -12.88
CA HIS A 161 4.63 -10.46 -14.10
C HIS A 161 3.82 -11.69 -14.48
P PO4 C . -6.76 9.62 -12.40
O1 PO4 C . -7.94 8.78 -11.96
O2 PO4 C . -6.47 10.65 -11.33
O3 PO4 C . -5.56 8.76 -12.63
O4 PO4 C . -7.09 10.34 -13.70
#